data_5UCB
#
_entry.id   5UCB
#
_cell.length_a   45.378
_cell.length_b   49.180
_cell.length_c   84.707
_cell.angle_alpha   106.29
_cell.angle_beta   95.71
_cell.angle_gamma   100.13
#
_symmetry.space_group_name_H-M   'P 1'
#
loop_
_entity.id
_entity.type
_entity.pdbx_description
1 polymer 'Fab Heavy Chain'
2 polymer 'Fab Light Chain'
3 polymer 'Histone chaperone ASF1'
4 water water
#
loop_
_entity_poly.entity_id
_entity_poly.type
_entity_poly.pdbx_seq_one_letter_code
_entity_poly.pdbx_strand_id
1 'polypeptide(L)'
;EVQLVESGGGLVQPGGSLRLSCAASGFNVSYYSIHWVRQAPGKGLEWVASIYPYYGSTSYADSVKGRFTISADTSKNTAY
LQMNSLRAEDTAVYYCARGYGWALDYWGQGTLVTVFNQIKPPSVFPLAPSSKSTSGGTAALGCLVKDYFPEPVTVSWNSG
ALTSGVHTFPAVLQSSGLYSLSSVVTVPSSSLGTQTYICNVNHKPSNTKVDKKVEPK
;
H
2 'polypeptide(L)'
;QMTQSPSSLSASVGDRVTITCRASQSVSSAVAWYQQKPGKAPKLLIYSASSLYSGVPSRFSGSRSGTDYTLTISSLQPED
FATYYCQQDGWSLITFGQGTKVEIKRTVAAPSVFIFPPSDEQLKSGTASVVCLLNNFYPREAKVQWKVDNALQSGNSQES
VTEQDSKDSTYSLSSTLTLSKADYEKHKVYACEVTHQGLSSPVTKSFNRG
;
L
3 'polypeptide(L)'
;SIVSLLGIKVLNNPAKFTDPYEFEITFECLESLKHDLEWKLTYVGSSRSLDHDQELDSILVGPVPVGVNKFVFSADPPSA
ELIPASELVSVTVILLSCSYDGREFVRVGYYVNNEYDEEELRENPPAKVQVDHIVRNILAEKPRVTRFNIVWD
;
B
#
# COMPACT_ATOMS: atom_id res chain seq x y z
N GLU A 1 -8.26 14.73 -15.53
CA GLU A 1 -8.69 13.63 -16.39
C GLU A 1 -7.55 12.62 -16.61
N VAL A 2 -6.50 12.72 -15.81
CA VAL A 2 -5.48 11.68 -15.78
C VAL A 2 -6.07 10.42 -15.17
N GLN A 3 -5.91 9.31 -15.88
CA GLN A 3 -6.44 8.03 -15.44
C GLN A 3 -5.48 6.92 -15.88
N LEU A 4 -5.29 5.95 -15.01
CA LEU A 4 -4.63 4.70 -15.36
C LEU A 4 -5.63 3.59 -15.11
N VAL A 5 -5.83 2.74 -16.13
CA VAL A 5 -6.83 1.67 -16.07
C VAL A 5 -6.12 0.34 -16.30
N GLU A 6 -6.03 -0.46 -15.25
CA GLU A 6 -5.41 -1.77 -15.32
C GLU A 6 -6.41 -2.82 -15.80
N SER A 7 -5.88 -3.81 -16.53
CA SER A 7 -6.66 -4.98 -16.91
C SER A 7 -5.72 -6.17 -17.04
N GLY A 8 -6.32 -7.34 -17.19
CA GLY A 8 -5.58 -8.57 -17.41
C GLY A 8 -5.52 -9.47 -16.21
N GLY A 9 -5.95 -9.00 -15.05
CA GLY A 9 -5.97 -9.84 -13.87
C GLY A 9 -7.00 -10.96 -14.01
N GLY A 10 -6.69 -12.07 -13.34
CA GLY A 10 -7.59 -13.19 -13.38
C GLY A 10 -7.01 -14.36 -12.60
N LEU A 11 -7.69 -15.50 -12.70
CA LEU A 11 -7.27 -16.72 -12.05
C LEU A 11 -6.25 -17.48 -12.90
N VAL A 12 -5.19 -17.95 -12.26
CA VAL A 12 -4.12 -18.65 -12.92
C VAL A 12 -3.53 -19.66 -11.96
N GLN A 13 -3.00 -20.76 -12.49
CA GLN A 13 -2.35 -21.75 -11.64
C GLN A 13 -0.87 -21.46 -11.47
N PRO A 14 -0.27 -21.95 -10.40
CA PRO A 14 1.19 -21.78 -10.24
C PRO A 14 1.94 -22.34 -11.44
N GLY A 15 3.00 -21.64 -11.81
CA GLY A 15 3.76 -21.98 -12.97
C GLY A 15 3.23 -21.36 -14.25
N GLY A 16 2.01 -20.85 -14.22
CA GLY A 16 1.42 -20.20 -15.37
C GLY A 16 1.87 -18.75 -15.50
N SER A 17 1.17 -18.04 -16.38
CA SER A 17 1.55 -16.66 -16.71
C SER A 17 0.30 -15.81 -16.95
N LEU A 18 0.50 -14.50 -16.80
CA LEU A 18 -0.50 -13.50 -17.08
C LEU A 18 0.21 -12.27 -17.61
N ARG A 19 -0.49 -11.50 -18.44
CA ARG A 19 -0.02 -10.20 -18.89
C ARG A 19 -1.00 -9.13 -18.43
N LEU A 20 -0.53 -8.23 -17.57
CA LEU A 20 -1.32 -7.10 -17.17
C LEU A 20 -1.05 -5.93 -18.09
N SER A 21 -2.08 -5.11 -18.30
CA SER A 21 -1.97 -3.90 -19.09
C SER A 21 -2.44 -2.72 -18.27
N CYS A 22 -1.86 -1.54 -18.56
CA CYS A 22 -2.17 -0.28 -17.89
C CYS A 22 -2.36 0.73 -19.01
N ALA A 23 -3.62 1.05 -19.32
CA ALA A 23 -3.96 1.99 -20.37
C ALA A 23 -4.01 3.40 -19.78
N ALA A 24 -3.18 4.28 -20.33
CA ALA A 24 -3.14 5.65 -19.86
C ALA A 24 -4.17 6.50 -20.60
N SER A 25 -4.86 7.36 -19.84
CA SER A 25 -5.74 8.39 -20.39
C SER A 25 -5.32 9.73 -19.82
N GLY A 26 -5.40 10.77 -20.64
CA GLY A 26 -5.13 12.11 -20.18
C GLY A 26 -3.67 12.49 -20.13
N PHE A 27 -2.77 11.59 -20.54
CA PHE A 27 -1.35 11.87 -20.56
C PHE A 27 -0.67 10.87 -21.46
N ASN A 28 0.57 11.18 -21.82
CA ASN A 28 1.39 10.37 -22.71
C ASN A 28 2.42 9.63 -21.87
N VAL A 29 2.40 8.28 -21.93
CA VAL A 29 3.31 7.50 -21.09
C VAL A 29 4.77 7.76 -21.44
N SER A 30 5.06 8.26 -22.62
CA SER A 30 6.47 8.47 -22.99
C SER A 30 7.14 9.56 -22.14
N TYR A 31 6.37 10.36 -21.39
CA TYR A 31 6.97 11.48 -20.68
C TYR A 31 7.14 11.20 -19.19
N TYR A 32 6.82 9.99 -18.74
CA TYR A 32 6.73 9.67 -17.32
C TYR A 32 7.34 8.31 -17.05
N SER A 33 7.75 8.08 -15.81
CA SER A 33 7.98 6.72 -15.36
C SER A 33 6.64 6.07 -14.97
N ILE A 34 6.61 4.75 -15.07
CA ILE A 34 5.41 3.96 -14.77
C ILE A 34 5.82 2.82 -13.84
N HIS A 35 4.95 2.48 -12.87
CA HIS A 35 5.29 1.56 -11.82
C HIS A 35 4.14 0.60 -11.56
N TRP A 36 4.50 -0.61 -11.14
CA TRP A 36 3.54 -1.60 -10.65
C TRP A 36 3.83 -1.83 -9.18
N VAL A 37 2.76 -1.78 -8.37
CA VAL A 37 2.81 -1.98 -6.93
C VAL A 37 1.64 -2.89 -6.59
N ARG A 38 1.88 -3.91 -5.76
CA ARG A 38 0.82 -4.86 -5.44
C ARG A 38 0.51 -4.84 -3.96
N GLN A 39 -0.65 -5.40 -3.64
CA GLN A 39 -1.12 -5.42 -2.25
C GLN A 39 -2.00 -6.64 -2.05
N ALA A 40 -1.57 -7.53 -1.17
CA ALA A 40 -2.39 -8.67 -0.80
C ALA A 40 -3.45 -8.25 0.22
N PRO A 41 -4.57 -9.00 0.31
CA PRO A 41 -5.65 -8.58 1.22
C PRO A 41 -5.19 -8.33 2.64
N GLY A 42 -5.47 -7.13 3.16
CA GLY A 42 -5.11 -6.80 4.51
C GLY A 42 -3.64 -6.61 4.76
N LYS A 43 -2.81 -6.60 3.73
CA LYS A 43 -1.36 -6.46 3.87
C LYS A 43 -0.94 -5.09 3.33
N GLY A 44 0.37 -4.83 3.38
CA GLY A 44 0.90 -3.56 2.96
C GLY A 44 1.19 -3.50 1.47
N LEU A 45 1.63 -2.33 1.04
CA LEU A 45 2.03 -2.10 -0.35
C LEU A 45 3.40 -2.70 -0.60
N GLU A 46 3.54 -3.37 -1.75
CA GLU A 46 4.80 -3.98 -2.16
C GLU A 46 5.10 -3.58 -3.60
N TRP A 47 6.16 -2.82 -3.78
CA TRP A 47 6.59 -2.46 -5.13
C TRP A 47 7.07 -3.68 -5.90
N VAL A 48 6.71 -3.72 -7.18
CA VAL A 48 7.00 -4.82 -8.07
C VAL A 48 8.03 -4.43 -9.13
N ALA A 49 7.78 -3.34 -9.88
CA ALA A 49 8.62 -3.01 -11.02
C ALA A 49 8.40 -1.56 -11.43
N SER A 50 9.42 -1.01 -12.08
CA SER A 50 9.41 0.36 -12.59
C SER A 50 10.04 0.41 -13.97
N ILE A 51 9.55 1.33 -14.80
CA ILE A 51 10.16 1.64 -16.09
C ILE A 51 10.29 3.16 -16.21
N TYR A 52 11.44 3.61 -16.79
CA TYR A 52 11.77 5.01 -16.83
C TYR A 52 11.71 5.54 -18.26
N PRO A 53 11.36 6.81 -18.43
CA PRO A 53 11.19 7.36 -19.77
C PRO A 53 12.52 7.56 -20.46
N TYR A 54 12.44 7.75 -21.77
CA TYR A 54 13.55 8.08 -22.68
C TYR A 54 14.45 6.88 -22.93
N TYR A 55 14.83 6.15 -21.87
CA TYR A 55 15.63 4.93 -22.03
C TYR A 55 14.82 3.64 -21.96
N GLY A 56 13.65 3.64 -21.34
CA GLY A 56 12.97 2.38 -21.10
C GLY A 56 13.72 1.47 -20.16
N SER A 57 14.62 2.01 -19.36
CA SER A 57 15.33 1.24 -18.34
C SER A 57 14.35 0.78 -17.27
N THR A 58 14.72 -0.28 -16.56
CA THR A 58 13.77 -0.95 -15.68
C THR A 58 14.42 -1.31 -14.35
N SER A 59 13.58 -1.42 -13.33
CA SER A 59 13.98 -1.88 -12.00
C SER A 59 12.93 -2.90 -11.53
N TYR A 60 13.38 -3.91 -10.78
CA TYR A 60 12.52 -4.98 -10.28
C TYR A 60 12.77 -5.28 -8.82
N ALA A 61 11.70 -5.63 -8.10
CA ALA A 61 11.86 -6.17 -6.77
C ALA A 61 12.57 -7.53 -6.82
N ASP A 62 13.35 -7.82 -5.77
CA ASP A 62 14.06 -9.09 -5.73
C ASP A 62 13.10 -10.28 -5.86
N SER A 63 11.88 -10.16 -5.30
CA SER A 63 10.93 -11.27 -5.29
C SER A 63 10.41 -11.63 -6.66
N VAL A 64 10.55 -10.75 -7.66
CA VAL A 64 10.01 -10.98 -8.98
C VAL A 64 11.08 -10.95 -10.07
N LYS A 65 12.32 -10.60 -9.74
CA LYS A 65 13.35 -10.52 -10.75
C LYS A 65 13.52 -11.86 -11.45
N GLY A 66 13.63 -11.82 -12.77
CA GLY A 66 13.74 -13.02 -13.58
C GLY A 66 12.43 -13.67 -13.93
N ARG A 67 11.33 -13.25 -13.32
CA ARG A 67 10.02 -13.79 -13.62
C ARG A 67 9.11 -12.77 -14.29
N PHE A 68 9.15 -11.51 -13.85
CA PHE A 68 8.29 -10.47 -14.36
C PHE A 68 9.09 -9.53 -15.25
N THR A 69 8.42 -8.99 -16.27
CA THR A 69 9.02 -7.98 -17.15
C THR A 69 8.05 -6.82 -17.32
N ILE A 70 8.52 -5.61 -17.07
CA ILE A 70 7.74 -4.42 -17.31
C ILE A 70 8.15 -3.82 -18.64
N SER A 71 7.18 -3.30 -19.37
CA SER A 71 7.46 -2.65 -20.65
C SER A 71 6.42 -1.59 -20.94
N ALA A 72 6.66 -0.82 -21.99
CA ALA A 72 5.70 0.17 -22.43
C ALA A 72 5.74 0.24 -23.95
N ASP A 73 4.56 0.50 -24.52
CA ASP A 73 4.37 0.73 -25.94
C ASP A 73 3.85 2.16 -26.07
N THR A 74 4.73 3.09 -26.43
CA THR A 74 4.31 4.48 -26.42
C THR A 74 3.28 4.76 -27.52
N SER A 75 3.33 4.03 -28.64
CA SER A 75 2.33 4.25 -29.68
C SER A 75 0.93 3.81 -29.25
N LYS A 76 0.83 2.81 -28.38
CA LYS A 76 -0.45 2.38 -27.81
C LYS A 76 -0.75 3.09 -26.50
N ASN A 77 0.19 3.88 -25.99
CA ASN A 77 0.03 4.61 -24.74
C ASN A 77 -0.37 3.68 -23.60
N THR A 78 0.34 2.56 -23.52
CA THR A 78 0.03 1.49 -22.58
C THR A 78 1.33 0.96 -21.97
N ALA A 79 1.25 0.56 -20.71
CA ALA A 79 2.33 -0.15 -20.04
C ALA A 79 1.87 -1.56 -19.72
N TYR A 80 2.83 -2.46 -19.56
CA TYR A 80 2.54 -3.87 -19.39
C TYR A 80 3.37 -4.45 -18.25
N LEU A 81 2.83 -5.52 -17.67
CA LEU A 81 3.59 -6.37 -16.75
C LEU A 81 3.37 -7.82 -17.18
N GLN A 82 4.41 -8.41 -17.77
CA GLN A 82 4.37 -9.82 -18.13
C GLN A 82 4.81 -10.62 -16.91
N MET A 83 3.92 -11.45 -16.39
CA MET A 83 4.17 -12.23 -15.17
C MET A 83 4.31 -13.69 -15.57
N ASN A 84 5.54 -14.20 -15.55
CA ASN A 84 5.81 -15.62 -15.80
C ASN A 84 6.05 -16.33 -14.46
N SER A 85 5.99 -17.65 -14.52
CA SER A 85 6.38 -18.50 -13.39
C SER A 85 5.65 -18.08 -12.11
N LEU A 86 4.33 -17.96 -12.22
CA LEU A 86 3.57 -17.42 -11.10
C LEU A 86 3.63 -18.38 -9.90
N ARG A 87 3.58 -17.77 -8.70
CA ARG A 87 3.62 -18.49 -7.43
C ARG A 87 2.41 -18.07 -6.61
N ALA A 88 2.00 -18.93 -5.69
CA ALA A 88 0.88 -18.60 -4.82
C ALA A 88 1.05 -17.24 -4.16
N GLU A 89 2.28 -16.91 -3.78
CA GLU A 89 2.56 -15.65 -3.08
C GLU A 89 2.38 -14.44 -3.98
N ASP A 90 2.11 -14.61 -5.27
CA ASP A 90 1.88 -13.47 -6.16
C ASP A 90 0.43 -12.99 -6.14
N THR A 91 -0.47 -13.69 -5.44
CA THR A 91 -1.85 -13.23 -5.37
C THR A 91 -1.92 -11.87 -4.71
N ALA A 92 -2.59 -10.95 -5.37
CA ALA A 92 -2.66 -9.57 -4.86
C ALA A 92 -3.47 -8.73 -5.84
N VAL A 93 -3.89 -7.56 -5.38
CA VAL A 93 -4.31 -6.50 -6.28
C VAL A 93 -3.05 -5.82 -6.81
N TYR A 94 -2.99 -5.64 -8.13
CA TYR A 94 -1.87 -5.01 -8.83
C TYR A 94 -2.30 -3.63 -9.31
N TYR A 95 -1.64 -2.60 -8.79
CA TYR A 95 -1.85 -1.23 -9.17
C TYR A 95 -0.77 -0.79 -10.14
N CYS A 96 -1.18 -0.03 -11.15
CA CYS A 96 -0.26 0.75 -11.96
C CYS A 96 -0.26 2.19 -11.46
N ALA A 97 0.90 2.82 -11.41
CA ALA A 97 1.00 4.19 -10.92
C ALA A 97 1.97 4.99 -11.77
N ARG A 98 1.68 6.28 -11.88
CA ARG A 98 2.50 7.22 -12.64
C ARG A 98 3.54 7.86 -11.74
N GLY A 99 4.76 7.94 -12.24
CA GLY A 99 5.82 8.58 -11.49
C GLY A 99 5.68 10.08 -11.43
N TYR A 100 6.02 10.63 -10.27
CA TYR A 100 6.02 12.05 -9.96
C TYR A 100 7.36 12.29 -9.29
N GLY A 101 8.40 12.56 -10.09
CA GLY A 101 9.74 12.55 -9.53
C GLY A 101 10.06 11.20 -8.97
N TRP A 102 10.46 11.19 -7.69
CA TRP A 102 10.72 9.95 -6.97
C TRP A 102 9.48 9.35 -6.33
N ALA A 103 8.32 9.97 -6.46
CA ALA A 103 7.06 9.55 -5.85
C ALA A 103 6.09 9.04 -6.92
N LEU A 104 4.86 8.71 -6.51
CA LEU A 104 3.82 8.12 -7.38
C LEU A 104 2.53 8.93 -7.21
N ASP A 105 2.09 9.66 -8.26
CA ASP A 105 0.98 10.62 -8.07
C ASP A 105 -0.39 10.03 -8.38
N TYR A 106 -0.57 9.40 -9.53
CA TYR A 106 -1.86 8.84 -9.92
C TYR A 106 -1.75 7.33 -9.91
N TRP A 107 -2.66 6.69 -9.20
CA TRP A 107 -2.73 5.26 -9.08
C TRP A 107 -4.04 4.79 -9.69
N GLY A 108 -3.99 3.67 -10.40
CA GLY A 108 -5.19 3.06 -10.91
C GLY A 108 -5.97 2.42 -9.80
N GLN A 109 -7.11 1.86 -10.17
CA GLN A 109 -7.95 1.18 -9.18
C GLN A 109 -7.51 -0.24 -8.90
N GLY A 110 -6.63 -0.81 -9.72
CA GLY A 110 -6.08 -2.12 -9.45
C GLY A 110 -6.80 -3.22 -10.21
N THR A 111 -6.05 -4.28 -10.53
CA THR A 111 -6.59 -5.50 -11.10
C THR A 111 -6.17 -6.68 -10.24
N LEU A 112 -7.09 -7.61 -9.98
CA LEU A 112 -6.83 -8.71 -9.06
C LEU A 112 -6.22 -9.90 -9.79
N VAL A 113 -5.09 -10.38 -9.28
CA VAL A 113 -4.42 -11.58 -9.76
C VAL A 113 -4.58 -12.65 -8.69
N THR A 114 -5.14 -13.79 -9.06
CA THR A 114 -5.45 -14.86 -8.12
C THR A 114 -4.77 -16.13 -8.59
N VAL A 115 -3.79 -16.59 -7.83
CA VAL A 115 -3.11 -17.84 -8.13
C VAL A 115 -3.78 -18.92 -7.31
N PHE A 116 -4.14 -20.03 -7.95
CA PHE A 116 -4.92 -21.07 -7.29
C PHE A 116 -4.42 -22.43 -7.75
N ASN A 117 -4.46 -23.40 -6.84
CA ASN A 117 -4.22 -24.78 -7.21
C ASN A 117 -5.50 -25.47 -7.66
N GLN A 118 -6.55 -25.32 -6.86
CA GLN A 118 -7.83 -25.95 -7.07
C GLN A 118 -8.90 -24.95 -6.66
N ILE A 119 -9.97 -24.87 -7.43
CA ILE A 119 -11.12 -24.08 -7.05
C ILE A 119 -12.04 -24.96 -6.22
N LYS A 120 -12.44 -24.47 -5.05
CA LYS A 120 -13.32 -25.22 -4.16
C LYS A 120 -14.47 -24.32 -3.72
N PRO A 121 -15.72 -24.69 -3.98
CA PRO A 121 -16.83 -23.86 -3.54
C PRO A 121 -17.02 -23.93 -2.03
N PRO A 122 -17.60 -22.91 -1.41
CA PRO A 122 -17.83 -22.95 0.03
C PRO A 122 -18.99 -23.84 0.41
N SER A 123 -18.89 -24.39 1.62
CA SER A 123 -20.01 -24.97 2.34
C SER A 123 -20.54 -23.92 3.31
N VAL A 124 -21.86 -23.73 3.33
CA VAL A 124 -22.48 -22.68 4.13
C VAL A 124 -23.31 -23.33 5.23
N PHE A 125 -22.98 -23.01 6.47
CA PHE A 125 -23.65 -23.57 7.63
C PHE A 125 -24.28 -22.45 8.46
N PRO A 126 -25.43 -22.70 9.08
CA PRO A 126 -26.03 -21.68 9.93
C PRO A 126 -25.32 -21.53 11.26
N LEU A 127 -25.27 -20.28 11.71
CA LEU A 127 -24.96 -19.94 13.11
C LEU A 127 -26.31 -19.60 13.73
N ALA A 128 -26.97 -20.61 14.28
CA ALA A 128 -28.37 -20.46 14.63
C ALA A 128 -28.53 -19.64 15.91
N PRO A 129 -29.49 -18.72 15.94
CA PRO A 129 -29.74 -17.98 17.19
C PRO A 129 -30.36 -18.90 18.23
N SER A 130 -30.05 -18.61 19.48
CA SER A 130 -30.52 -19.43 20.61
C SER A 130 -30.46 -18.58 21.86
N SER A 131 -30.83 -19.19 22.99
CA SER A 131 -30.66 -18.52 24.27
C SER A 131 -29.20 -18.21 24.59
N LYS A 132 -28.27 -18.75 23.82
CA LYS A 132 -26.84 -18.46 23.97
C LYS A 132 -26.39 -17.31 23.09
N SER A 133 -27.31 -16.67 22.33
CA SER A 133 -26.92 -15.55 21.50
C SER A 133 -27.79 -14.31 21.74
N THR A 134 -28.52 -14.26 22.85
CA THR A 134 -29.41 -13.16 23.17
C THR A 134 -28.86 -12.27 24.29
N SER A 135 -29.18 -10.98 24.16
CA SER A 135 -28.98 -10.00 25.23
C SER A 135 -29.91 -8.83 24.94
N GLY A 136 -30.34 -8.16 26.00
CA GLY A 136 -31.31 -7.11 25.76
C GLY A 136 -32.50 -7.63 24.99
N GLY A 137 -32.94 -6.86 24.01
CA GLY A 137 -34.01 -7.25 23.12
C GLY A 137 -33.57 -7.93 21.84
N THR A 138 -32.29 -8.27 21.70
CA THR A 138 -31.76 -8.76 20.44
C THR A 138 -31.23 -10.19 20.53
N ALA A 139 -30.97 -10.73 19.35
CA ALA A 139 -30.34 -12.02 19.20
C ALA A 139 -29.35 -11.91 18.06
N ALA A 140 -28.23 -12.60 18.20
CA ALA A 140 -27.26 -12.68 17.12
C ALA A 140 -27.44 -14.00 16.38
N LEU A 141 -27.24 -13.95 15.07
CA LEU A 141 -27.31 -15.12 14.21
C LEU A 141 -26.31 -14.91 13.07
N GLY A 142 -26.03 -15.95 12.31
CA GLY A 142 -25.08 -15.77 11.24
C GLY A 142 -24.97 -16.97 10.33
N CYS A 143 -23.95 -16.92 9.49
CA CYS A 143 -23.60 -17.98 8.56
C CYS A 143 -22.09 -18.19 8.61
N LEU A 144 -21.70 -19.44 8.59
CA LEU A 144 -20.30 -19.83 8.49
C LEU A 144 -20.05 -20.33 7.08
N VAL A 145 -19.12 -19.67 6.39
CA VAL A 145 -18.82 -19.95 4.99
C VAL A 145 -17.45 -20.64 4.98
N LYS A 146 -17.45 -21.96 4.85
CA LYS A 146 -16.30 -22.78 5.21
C LYS A 146 -15.65 -23.46 4.00
N ASP A 147 -14.32 -23.45 3.97
CA ASP A 147 -13.54 -24.35 3.13
C ASP A 147 -13.67 -24.01 1.65
N TYR A 148 -13.40 -22.76 1.31
CA TYR A 148 -13.46 -22.35 -0.08
C TYR A 148 -12.10 -21.85 -0.56
N PHE A 149 -11.93 -21.87 -1.87
CA PHE A 149 -10.71 -21.34 -2.45
C PHE A 149 -10.96 -21.01 -3.90
N PRO A 150 -10.41 -19.91 -4.41
CA PRO A 150 -9.66 -18.84 -3.72
C PRO A 150 -10.61 -17.79 -3.17
N GLU A 151 -10.06 -16.72 -2.62
CA GLU A 151 -10.86 -15.54 -2.31
C GLU A 151 -11.27 -14.84 -3.59
N PRO A 152 -12.33 -14.03 -3.55
CA PRO A 152 -13.20 -13.75 -2.41
C PRO A 152 -14.55 -14.44 -2.43
N VAL A 153 -15.25 -14.38 -1.30
CA VAL A 153 -16.70 -14.58 -1.26
C VAL A 153 -17.32 -13.25 -0.88
N THR A 154 -18.55 -13.05 -1.33
CA THR A 154 -19.37 -11.93 -0.88
C THR A 154 -20.56 -12.47 -0.13
N VAL A 155 -20.99 -11.74 0.90
CA VAL A 155 -22.11 -12.14 1.72
C VAL A 155 -23.03 -10.95 1.86
N SER A 156 -24.32 -11.18 1.62
CA SER A 156 -25.36 -10.22 1.99
C SER A 156 -26.42 -10.94 2.80
N TRP A 157 -27.30 -10.15 3.41
CA TRP A 157 -28.43 -10.66 4.17
C TRP A 157 -29.72 -10.17 3.54
N ASN A 158 -30.67 -11.09 3.36
CA ASN A 158 -31.99 -10.77 2.81
C ASN A 158 -31.86 -9.97 1.51
N SER A 159 -30.92 -10.40 0.67
CA SER A 159 -30.71 -9.83 -0.66
C SER A 159 -30.36 -8.36 -0.59
N GLY A 160 -29.66 -7.96 0.46
CA GLY A 160 -29.26 -6.57 0.63
C GLY A 160 -30.22 -5.69 1.37
N ALA A 161 -31.40 -6.20 1.74
CA ALA A 161 -32.38 -5.42 2.50
C ALA A 161 -31.98 -5.26 3.96
N LEU A 162 -31.11 -6.13 4.47
CA LEU A 162 -30.66 -6.10 5.85
C LEU A 162 -29.18 -5.74 5.86
N THR A 163 -28.86 -4.53 6.34
CA THR A 163 -27.48 -4.05 6.41
C THR A 163 -27.11 -3.60 7.81
N SER A 164 -28.07 -3.10 8.59
CA SER A 164 -27.78 -2.65 9.94
C SER A 164 -27.47 -3.84 10.85
N GLY A 165 -26.45 -3.68 11.67
CA GLY A 165 -26.08 -4.71 12.64
C GLY A 165 -25.37 -5.89 12.07
N VAL A 166 -24.88 -5.81 10.82
CA VAL A 166 -24.17 -6.89 10.14
C VAL A 166 -22.68 -6.72 10.37
N HIS A 167 -22.00 -7.81 10.71
CA HIS A 167 -20.54 -7.87 10.72
C HIS A 167 -20.13 -9.05 9.86
N THR A 168 -19.45 -8.78 8.76
CA THR A 168 -18.87 -9.82 7.94
C THR A 168 -17.37 -9.78 8.16
N PHE A 169 -16.86 -10.84 8.73
CA PHE A 169 -15.50 -10.84 9.22
C PHE A 169 -14.52 -11.11 8.08
N PRO A 170 -13.27 -10.66 8.22
CA PRO A 170 -12.25 -11.02 7.24
C PRO A 170 -12.09 -12.53 7.18
N ALA A 171 -11.89 -13.04 5.98
CA ALA A 171 -11.59 -14.46 5.83
C ALA A 171 -10.30 -14.80 6.55
N VAL A 172 -10.23 -16.04 7.04
CA VAL A 172 -8.99 -16.57 7.59
C VAL A 172 -8.55 -17.73 6.72
N LEU A 173 -7.25 -17.82 6.51
CA LEU A 173 -6.65 -18.95 5.83
C LEU A 173 -6.40 -20.03 6.85
N GLN A 174 -7.05 -21.16 6.68
CA GLN A 174 -6.90 -22.30 7.57
C GLN A 174 -5.61 -23.06 7.28
N SER A 175 -5.20 -23.89 8.23
CA SER A 175 -3.99 -24.70 8.03
C SER A 175 -4.12 -25.64 6.84
N SER A 176 -5.35 -25.96 6.44
CA SER A 176 -5.63 -26.74 5.24
C SER A 176 -5.33 -25.99 3.94
N GLY A 177 -5.09 -24.68 4.01
CA GLY A 177 -4.94 -23.89 2.80
C GLY A 177 -6.24 -23.47 2.18
N LEU A 178 -7.36 -23.71 2.85
CA LEU A 178 -8.67 -23.24 2.42
C LEU A 178 -9.13 -22.10 3.33
N TYR A 179 -9.98 -21.23 2.79
CA TYR A 179 -10.46 -20.09 3.55
C TYR A 179 -11.77 -20.41 4.26
N SER A 180 -12.01 -19.66 5.33
CA SER A 180 -13.28 -19.70 6.04
C SER A 180 -13.62 -18.28 6.50
N LEU A 181 -14.90 -17.97 6.51
CA LEU A 181 -15.29 -16.70 7.09
C LEU A 181 -16.69 -16.83 7.68
N SER A 182 -17.00 -15.91 8.57
CA SER A 182 -18.33 -15.84 9.16
C SER A 182 -18.91 -14.46 8.93
N SER A 183 -20.23 -14.43 8.85
CA SER A 183 -21.01 -13.20 8.84
C SER A 183 -22.12 -13.34 9.86
N VAL A 184 -22.29 -12.30 10.68
CA VAL A 184 -23.30 -12.29 11.74
C VAL A 184 -24.14 -11.03 11.64
N VAL A 185 -25.34 -11.11 12.19
CA VAL A 185 -26.22 -9.95 12.27
C VAL A 185 -26.96 -10.03 13.59
N THR A 186 -27.23 -8.87 14.18
CA THR A 186 -28.04 -8.75 15.39
C THR A 186 -29.43 -8.23 15.03
N VAL A 187 -30.46 -8.94 15.50
CA VAL A 187 -31.85 -8.68 15.12
C VAL A 187 -32.73 -8.75 16.37
N PRO A 188 -33.98 -8.30 16.31
CA PRO A 188 -34.87 -8.43 17.49
C PRO A 188 -35.18 -9.90 17.78
N SER A 189 -35.05 -10.30 19.06
CA SER A 189 -35.28 -11.71 19.37
C SER A 189 -36.72 -12.11 19.14
N SER A 190 -37.66 -11.18 19.33
CA SER A 190 -39.07 -11.47 19.08
C SER A 190 -39.34 -11.76 17.61
N SER A 191 -38.40 -11.43 16.72
CA SER A 191 -38.64 -11.62 15.30
C SER A 191 -38.20 -12.99 14.79
N LEU A 192 -37.52 -13.79 15.60
CA LEU A 192 -36.93 -15.03 15.12
C LEU A 192 -37.99 -16.06 14.75
N GLY A 193 -37.82 -16.68 13.59
CA GLY A 193 -38.82 -17.61 13.10
C GLY A 193 -40.09 -16.98 12.61
N THR A 194 -40.12 -15.64 12.54
CA THR A 194 -41.22 -14.88 11.94
C THR A 194 -40.72 -14.01 10.80
N GLN A 195 -39.83 -13.06 11.05
CA GLN A 195 -39.01 -12.46 9.99
C GLN A 195 -37.95 -13.46 9.56
N THR A 196 -37.88 -13.73 8.28
CA THR A 196 -36.86 -14.64 7.79
C THR A 196 -35.52 -13.91 7.67
N TYR A 197 -34.45 -14.65 7.96
CA TYR A 197 -33.09 -14.15 7.81
C TYR A 197 -32.31 -15.13 6.94
N ILE A 198 -31.88 -14.65 5.78
CA ILE A 198 -31.28 -15.48 4.75
C ILE A 198 -29.95 -14.86 4.38
N CYS A 199 -28.88 -15.63 4.48
CA CYS A 199 -27.58 -15.13 4.02
C CYS A 199 -27.36 -15.56 2.57
N ASN A 200 -26.93 -14.61 1.76
CA ASN A 200 -26.71 -14.83 0.33
C ASN A 200 -25.20 -14.84 0.12
N VAL A 201 -24.66 -15.99 -0.26
CA VAL A 201 -23.21 -16.19 -0.39
C VAL A 201 -22.88 -16.42 -1.85
N ASN A 202 -22.03 -15.57 -2.40
CA ASN A 202 -21.60 -15.67 -3.80
C ASN A 202 -20.10 -15.95 -3.83
N HIS A 203 -19.71 -16.98 -4.58
CA HIS A 203 -18.30 -17.31 -4.77
C HIS A 203 -18.06 -17.38 -6.28
N LYS A 204 -17.68 -16.24 -6.85
CA LYS A 204 -17.60 -16.14 -8.31
C LYS A 204 -16.60 -17.13 -8.92
N PRO A 205 -15.46 -17.43 -8.30
CA PRO A 205 -14.52 -18.37 -8.95
C PRO A 205 -15.12 -19.74 -9.25
N SER A 206 -16.05 -20.22 -8.42
CA SER A 206 -16.70 -21.50 -8.65
C SER A 206 -18.09 -21.34 -9.24
N ASN A 207 -18.49 -20.11 -9.57
CA ASN A 207 -19.84 -19.82 -10.05
C ASN A 207 -20.87 -20.41 -9.10
N THR A 208 -20.68 -20.14 -7.81
CA THR A 208 -21.56 -20.62 -6.75
C THR A 208 -22.37 -19.45 -6.20
N LYS A 209 -23.68 -19.65 -6.08
CA LYS A 209 -24.54 -18.77 -5.31
C LYS A 209 -25.39 -19.63 -4.39
N VAL A 210 -25.32 -19.37 -3.09
CA VAL A 210 -26.07 -20.11 -2.08
C VAL A 210 -26.90 -19.13 -1.31
N ASP A 211 -28.15 -19.50 -1.03
CA ASP A 211 -28.99 -18.80 -0.06
C ASP A 211 -29.26 -19.78 1.07
N LYS A 212 -28.94 -19.38 2.30
CA LYS A 212 -29.15 -20.22 3.48
C LYS A 212 -30.08 -19.48 4.44
N LYS A 213 -31.27 -20.04 4.65
CA LYS A 213 -32.18 -19.50 5.65
C LYS A 213 -31.72 -19.98 7.02
N VAL A 214 -31.52 -19.05 7.94
CA VAL A 214 -31.01 -19.37 9.26
C VAL A 214 -32.21 -19.43 10.21
N GLU A 215 -32.38 -20.57 10.87
CA GLU A 215 -33.55 -20.85 11.69
C GLU A 215 -33.18 -20.88 13.17
N PRO A 216 -34.07 -20.43 14.06
CA PRO A 216 -33.76 -20.50 15.50
C PRO A 216 -33.70 -21.94 16.00
N LYS A 217 -32.89 -22.13 17.04
CA LYS A 217 -32.91 -23.41 17.75
C LYS A 217 -33.25 -23.22 19.23
N GLN B 1 15.56 -1.58 3.37
CA GLN B 1 15.97 -0.21 3.07
C GLN B 1 15.09 0.86 3.72
N MET B 2 13.95 0.46 4.28
CA MET B 2 13.01 1.42 4.83
C MET B 2 12.16 0.72 5.87
N THR B 3 12.13 1.26 7.10
CA THR B 3 11.40 0.68 8.22
C THR B 3 10.47 1.70 8.83
N GLN B 4 9.24 1.27 9.11
CA GLN B 4 8.19 2.14 9.62
C GLN B 4 7.62 1.55 10.89
N SER B 5 7.39 2.40 11.89
CA SER B 5 6.72 1.98 13.10
C SER B 5 6.00 3.18 13.70
N PRO B 6 4.95 2.95 14.53
CA PRO B 6 4.39 1.64 14.84
C PRO B 6 3.40 1.19 13.77
N SER B 7 2.93 -0.05 13.88
CA SER B 7 1.94 -0.54 12.93
C SER B 7 0.58 0.10 13.16
N SER B 8 0.32 0.61 14.36
CA SER B 8 -0.94 1.28 14.59
C SER B 8 -0.79 2.25 15.76
N LEU B 9 -1.66 3.24 15.78
CA LEU B 9 -1.81 4.09 16.94
C LEU B 9 -3.25 4.56 17.04
N SER B 10 -3.65 4.90 18.26
CA SER B 10 -5.00 5.40 18.54
C SER B 10 -4.92 6.87 18.91
N ALA B 11 -5.83 7.66 18.36
CA ALA B 11 -5.77 9.09 18.56
C ALA B 11 -7.18 9.69 18.47
N SER B 12 -7.27 10.95 18.86
CA SER B 12 -8.51 11.71 18.84
C SER B 12 -8.42 12.85 17.85
N VAL B 13 -9.57 13.22 17.27
CA VAL B 13 -9.63 14.45 16.49
C VAL B 13 -9.06 15.59 17.32
N GLY B 14 -8.23 16.42 16.68
CA GLY B 14 -7.56 17.50 17.36
C GLY B 14 -6.15 17.16 17.81
N ASP B 15 -5.78 15.87 17.83
CA ASP B 15 -4.44 15.48 18.27
C ASP B 15 -3.40 15.75 17.19
N ARG B 16 -2.20 16.12 17.64
CA ARG B 16 -1.01 16.15 16.79
C ARG B 16 -0.44 14.74 16.74
N VAL B 17 -0.22 14.22 15.54
CA VAL B 17 0.25 12.86 15.32
C VAL B 17 1.53 12.92 14.50
N THR B 18 2.50 12.09 14.87
CA THR B 18 3.71 11.95 14.08
C THR B 18 3.99 10.46 13.84
N ILE B 19 4.48 10.17 12.64
CA ILE B 19 4.86 8.83 12.22
C ILE B 19 6.26 8.94 11.62
N THR B 20 7.16 8.07 12.05
CA THR B 20 8.55 8.14 11.63
C THR B 20 8.98 6.85 10.93
N CYS B 21 9.81 7.01 9.89
CA CYS B 21 10.39 5.91 9.14
C CYS B 21 11.90 6.10 9.11
N ARG B 22 12.65 5.01 9.16
CA ARG B 22 14.10 5.07 9.08
C ARG B 22 14.52 4.56 7.72
N ALA B 23 15.16 5.42 6.92
CA ALA B 23 15.62 5.05 5.59
C ALA B 23 17.11 4.65 5.62
N SER B 24 17.53 3.97 4.55
CA SER B 24 18.92 3.54 4.45
C SER B 24 19.85 4.68 4.04
N GLN B 25 19.30 5.76 3.51
CA GLN B 25 20.07 6.89 3.02
C GLN B 25 19.35 8.17 3.45
N SER B 26 20.09 9.26 3.46
CA SER B 26 19.56 10.56 3.89
C SER B 26 19.07 11.42 2.72
N VAL B 27 19.15 10.93 1.49
CA VAL B 27 18.73 11.71 0.33
C VAL B 27 17.27 12.11 0.47
N SER B 28 17.03 13.41 0.59
CA SER B 28 15.68 13.89 0.88
C SER B 28 14.73 13.64 -0.30
N SER B 29 15.24 13.68 -1.53
CA SER B 29 14.37 13.53 -2.70
C SER B 29 13.66 12.19 -2.73
N ALA B 30 14.22 11.18 -2.06
CA ALA B 30 13.79 9.80 -2.27
C ALA B 30 12.54 9.40 -1.50
N VAL B 31 12.08 10.20 -0.54
CA VAL B 31 11.06 9.75 0.39
C VAL B 31 9.73 10.44 0.14
N ALA B 32 8.65 9.65 0.13
CA ALA B 32 7.31 10.15 -0.03
C ALA B 32 6.41 9.49 0.99
N TRP B 33 5.26 10.13 1.23
CA TRP B 33 4.25 9.62 2.15
C TRP B 33 2.90 9.51 1.46
N TYR B 34 2.16 8.45 1.80
CA TYR B 34 0.87 8.11 1.19
C TYR B 34 -0.15 7.84 2.28
N GLN B 35 -1.41 8.10 1.94
CA GLN B 35 -2.58 7.74 2.74
C GLN B 35 -3.39 6.68 1.99
N GLN B 36 -3.88 5.68 2.72
CA GLN B 36 -4.76 4.70 2.10
C GLN B 36 -5.93 4.38 3.01
N LYS B 37 -7.11 4.40 2.44
CA LYS B 37 -8.30 3.97 3.14
C LYS B 37 -8.81 2.65 2.57
N PRO B 38 -9.54 1.87 3.37
CA PRO B 38 -9.91 0.51 2.93
C PRO B 38 -10.69 0.55 1.62
N GLY B 39 -10.31 -0.34 0.72
CA GLY B 39 -10.98 -0.48 -0.54
C GLY B 39 -10.60 0.56 -1.59
N LYS B 40 -9.63 1.42 -1.32
CA LYS B 40 -9.25 2.45 -2.27
C LYS B 40 -7.75 2.41 -2.52
N ALA B 41 -7.34 3.02 -3.64
CA ALA B 41 -5.93 3.12 -3.95
C ALA B 41 -5.27 4.16 -3.05
N PRO B 42 -3.96 4.03 -2.83
CA PRO B 42 -3.23 5.07 -2.08
C PRO B 42 -3.27 6.43 -2.75
N LYS B 43 -3.08 7.47 -1.92
CA LYS B 43 -3.04 8.86 -2.36
C LYS B 43 -1.77 9.50 -1.85
N LEU B 44 -1.07 10.22 -2.75
CA LEU B 44 0.17 10.89 -2.39
C LEU B 44 -0.09 12.10 -1.52
N LEU B 45 0.65 12.22 -0.40
CA LEU B 45 0.57 13.36 0.50
C LEU B 45 1.76 14.31 0.36
N ILE B 46 2.96 13.74 0.51
CA ILE B 46 4.22 14.45 0.60
C ILE B 46 5.19 13.77 -0.35
N TYR B 47 5.95 14.57 -1.11
CA TYR B 47 7.02 14.03 -1.94
C TYR B 47 8.32 14.76 -1.62
N SER B 48 9.44 14.10 -1.94
CA SER B 48 10.77 14.66 -1.68
C SER B 48 10.90 15.16 -0.22
N ALA B 49 10.45 14.30 0.70
CA ALA B 49 10.55 14.43 2.16
C ALA B 49 9.64 15.49 2.75
N SER B 50 9.49 16.65 2.10
CA SER B 50 8.85 17.79 2.75
C SER B 50 7.97 18.62 1.83
N SER B 51 7.79 18.24 0.57
CA SER B 51 6.96 19.00 -0.36
C SER B 51 5.53 18.49 -0.31
N LEU B 52 4.60 19.39 -0.08
CA LEU B 52 3.17 19.05 -0.01
C LEU B 52 2.63 18.89 -1.43
N TYR B 53 2.03 17.73 -1.70
CA TYR B 53 1.48 17.49 -3.02
C TYR B 53 0.23 18.36 -3.27
N SER B 54 0.06 18.77 -4.53
CA SER B 54 -1.08 19.58 -4.96
C SER B 54 -2.40 19.04 -4.41
N GLY B 55 -3.18 19.94 -3.78
CA GLY B 55 -4.50 19.61 -3.30
C GLY B 55 -4.55 18.98 -1.95
N VAL B 56 -3.41 18.70 -1.33
CA VAL B 56 -3.38 18.02 -0.02
C VAL B 56 -3.49 19.08 1.06
N PRO B 57 -4.28 18.85 2.11
CA PRO B 57 -4.43 19.85 3.17
C PRO B 57 -3.13 20.20 3.87
N SER B 58 -3.07 21.46 4.32
CA SER B 58 -1.85 22.00 4.92
C SER B 58 -1.50 21.36 6.25
N ARG B 59 -2.44 20.68 6.92
CA ARG B 59 -2.11 20.03 8.19
C ARG B 59 -1.14 18.86 8.03
N PHE B 60 -0.90 18.38 6.80
CA PHE B 60 0.10 17.34 6.57
C PHE B 60 1.43 18.00 6.26
N SER B 61 2.49 17.54 6.92
CA SER B 61 3.83 18.04 6.62
C SER B 61 4.85 16.91 6.80
N GLY B 62 5.99 17.08 6.15
CA GLY B 62 7.06 16.10 6.26
C GLY B 62 8.38 16.76 6.59
N SER B 63 9.22 16.00 7.30
CA SER B 63 10.53 16.48 7.71
C SER B 63 11.54 15.34 7.75
N ARG B 64 12.82 15.72 7.86
CA ARG B 64 13.92 14.76 7.89
C ARG B 64 14.94 15.18 8.92
N SER B 65 15.48 14.19 9.65
CA SER B 65 16.65 14.38 10.50
C SER B 65 17.58 13.18 10.30
N GLY B 66 18.73 13.38 9.67
CA GLY B 66 19.55 12.25 9.31
C GLY B 66 18.81 11.37 8.32
N THR B 67 18.72 10.08 8.65
CA THR B 67 17.98 9.13 7.85
C THR B 67 16.59 8.86 8.40
N ASP B 68 16.14 9.65 9.38
CA ASP B 68 14.78 9.52 9.92
C ASP B 68 13.83 10.54 9.28
N TYR B 69 12.74 10.04 8.74
CA TYR B 69 11.76 10.85 8.03
C TYR B 69 10.45 10.80 8.79
N THR B 70 9.81 11.95 8.98
CA THR B 70 8.62 12.03 9.80
C THR B 70 7.48 12.71 9.07
N LEU B 71 6.31 12.09 9.14
CA LEU B 71 5.06 12.68 8.72
C LEU B 71 4.38 13.24 9.97
N THR B 72 3.96 14.49 9.92
CA THR B 72 3.22 15.12 11.00
C THR B 72 1.84 15.53 10.50
N ILE B 73 0.81 15.21 11.28
CA ILE B 73 -0.53 15.75 11.08
C ILE B 73 -0.77 16.71 12.23
N SER B 74 -0.87 18.00 11.92
CA SER B 74 -0.86 19.01 12.98
C SER B 74 -2.06 18.86 13.90
N SER B 75 -3.19 18.43 13.37
CA SER B 75 -4.41 18.24 14.16
C SER B 75 -5.29 17.29 13.37
N LEU B 76 -5.47 16.07 13.88
CA LEU B 76 -6.24 15.04 13.16
C LEU B 76 -7.67 15.51 12.93
N GLN B 77 -8.14 15.35 11.71
CA GLN B 77 -9.54 15.59 11.38
C GLN B 77 -10.28 14.27 11.23
N PRO B 78 -11.62 14.30 11.24
CA PRO B 78 -12.36 13.03 11.17
C PRO B 78 -12.05 12.20 9.95
N GLU B 79 -11.71 12.81 8.82
CA GLU B 79 -11.40 12.07 7.61
C GLU B 79 -9.96 11.56 7.54
N ASP B 80 -9.14 11.76 8.58
CA ASP B 80 -7.73 11.37 8.55
C ASP B 80 -7.45 9.99 9.15
N PHE B 81 -8.44 9.30 9.68
CA PHE B 81 -8.22 7.94 10.16
C PHE B 81 -8.10 7.01 8.96
N ALA B 82 -6.93 6.40 8.82
CA ALA B 82 -6.48 5.75 7.60
C ALA B 82 -5.15 5.07 7.89
N THR B 83 -4.60 4.37 6.91
CA THR B 83 -3.26 3.84 7.01
C THR B 83 -2.32 4.74 6.23
N TYR B 84 -1.14 5.00 6.80
CA TYR B 84 -0.14 5.85 6.20
C TYR B 84 1.11 5.05 5.89
N TYR B 85 1.66 5.26 4.72
CA TYR B 85 2.85 4.54 4.26
C TYR B 85 3.94 5.52 3.88
N CYS B 86 5.15 5.23 4.31
CA CYS B 86 6.30 5.90 3.72
C CYS B 86 6.87 5.06 2.58
N GLN B 87 7.62 5.71 1.73
CA GLN B 87 8.22 5.10 0.56
C GLN B 87 9.64 5.65 0.41
N GLN B 88 10.61 4.78 0.16
CA GLN B 88 11.97 5.20 -0.24
C GLN B 88 12.18 4.71 -1.65
N ASP B 89 12.39 5.64 -2.58
CA ASP B 89 12.72 5.33 -3.98
C ASP B 89 14.24 5.39 -4.10
N GLY B 90 14.88 4.22 -3.98
CA GLY B 90 16.32 4.13 -3.86
C GLY B 90 17.02 3.99 -5.20
N TRP B 91 18.35 3.90 -5.11
CA TRP B 91 19.19 3.75 -6.29
C TRP B 91 18.75 2.56 -7.15
N SER B 92 18.40 1.46 -6.49
CA SER B 92 18.05 0.20 -7.16
C SER B 92 16.63 -0.25 -6.94
N LEU B 93 16.04 0.05 -5.79
CA LEU B 93 14.79 -0.54 -5.36
C LEU B 93 13.90 0.52 -4.74
N ILE B 94 12.58 0.32 -4.87
CA ILE B 94 11.61 1.08 -4.09
C ILE B 94 11.18 0.22 -2.92
N THR B 95 11.16 0.79 -1.72
CA THR B 95 10.71 0.08 -0.53
C THR B 95 9.60 0.89 0.14
N PHE B 96 8.50 0.23 0.47
CA PHE B 96 7.46 0.84 1.28
C PHE B 96 7.61 0.40 2.73
N GLY B 97 7.32 1.32 3.66
CA GLY B 97 7.18 0.91 5.04
C GLY B 97 5.97 0.00 5.22
N GLN B 98 5.91 -0.67 6.37
CA GLN B 98 4.82 -1.63 6.63
C GLN B 98 3.46 -0.96 6.79
N GLY B 99 3.41 0.35 7.01
CA GLY B 99 2.19 1.09 7.21
C GLY B 99 1.88 1.30 8.68
N THR B 100 1.25 2.44 8.98
CA THR B 100 0.78 2.81 10.31
C THR B 100 -0.70 3.10 10.21
N LYS B 101 -1.52 2.31 10.89
CA LYS B 101 -2.95 2.55 10.92
C LYS B 101 -3.28 3.49 12.07
N VAL B 102 -3.91 4.62 11.75
CA VAL B 102 -4.36 5.59 12.75
C VAL B 102 -5.83 5.32 13.01
N GLU B 103 -6.13 4.87 14.22
CA GLU B 103 -7.48 4.50 14.64
C GLU B 103 -8.01 5.52 15.62
N ILE B 104 -9.34 5.53 15.81
CA ILE B 104 -9.99 6.55 16.62
C ILE B 104 -10.25 6.04 18.03
N LYS B 105 -9.94 6.89 19.01
CA LYS B 105 -10.21 6.58 20.41
C LYS B 105 -11.69 6.68 20.76
N ARG B 106 -12.07 5.91 21.77
CA ARG B 106 -13.37 6.02 22.39
C ARG B 106 -13.28 5.37 23.77
N THR B 107 -14.38 5.40 24.52
CA THR B 107 -14.37 4.81 25.85
C THR B 107 -14.35 3.29 25.79
N VAL B 108 -13.88 2.68 26.88
CA VAL B 108 -13.88 1.23 26.98
C VAL B 108 -15.31 0.71 26.89
N ALA B 109 -15.49 -0.36 26.12
CA ALA B 109 -16.76 -1.05 25.99
C ALA B 109 -16.51 -2.54 26.04
N ALA B 110 -17.15 -3.21 26.99
CA ALA B 110 -16.99 -4.65 27.11
C ALA B 110 -17.68 -5.35 25.94
N PRO B 111 -17.14 -6.48 25.51
CA PRO B 111 -17.83 -7.27 24.48
C PRO B 111 -19.09 -7.94 25.03
N SER B 112 -20.06 -8.06 24.15
CA SER B 112 -21.16 -9.01 24.32
C SER B 112 -20.72 -10.34 23.72
N VAL B 113 -20.76 -11.40 24.54
CA VAL B 113 -20.18 -12.69 24.17
C VAL B 113 -21.29 -13.69 23.91
N PHE B 114 -21.25 -14.30 22.72
CA PHE B 114 -22.25 -15.26 22.27
C PHE B 114 -21.55 -16.50 21.72
N ILE B 115 -22.22 -17.65 21.81
CA ILE B 115 -21.62 -18.89 21.35
C ILE B 115 -22.60 -19.64 20.47
N PHE B 116 -22.06 -20.32 19.46
CA PHE B 116 -22.84 -21.06 18.47
C PHE B 116 -22.31 -22.49 18.38
N PRO B 117 -23.08 -23.49 18.75
CA PRO B 117 -22.66 -24.89 18.50
C PRO B 117 -22.58 -25.17 17.01
N PRO B 118 -21.93 -26.26 16.63
CA PRO B 118 -21.93 -26.65 15.21
C PRO B 118 -23.33 -27.08 14.78
N SER B 119 -23.63 -26.79 13.52
CA SER B 119 -24.89 -27.21 12.93
C SER B 119 -24.88 -28.72 12.69
N ASP B 120 -26.08 -29.31 12.71
CA ASP B 120 -26.17 -30.72 12.36
C ASP B 120 -25.69 -30.98 10.93
N GLU B 121 -25.91 -30.03 10.03
CA GLU B 121 -25.42 -30.13 8.66
C GLU B 121 -23.90 -30.34 8.63
N GLN B 122 -23.17 -29.60 9.46
CA GLN B 122 -21.71 -29.71 9.41
C GLN B 122 -21.24 -31.03 10.00
N LEU B 123 -21.81 -31.42 11.15
CA LEU B 123 -21.40 -32.66 11.80
C LEU B 123 -21.53 -33.85 10.85
N LYS B 124 -22.63 -33.91 10.10
CA LYS B 124 -22.81 -34.99 9.14
C LYS B 124 -21.62 -35.13 8.20
N SER B 125 -20.96 -34.01 7.89
CA SER B 125 -19.84 -33.99 6.96
C SER B 125 -18.51 -34.39 7.60
N GLY B 126 -18.46 -34.52 8.92
CA GLY B 126 -17.26 -35.00 9.59
C GLY B 126 -16.46 -33.97 10.34
N THR B 127 -16.97 -32.75 10.47
CA THR B 127 -16.25 -31.68 11.15
C THR B 127 -17.21 -30.94 12.05
N ALA B 128 -16.65 -30.31 13.08
CA ALA B 128 -17.41 -29.47 14.02
C ALA B 128 -16.70 -28.16 14.22
N SER B 129 -17.34 -27.06 13.83
CA SER B 129 -16.86 -25.71 14.10
C SER B 129 -17.73 -25.08 15.17
N VAL B 130 -17.11 -24.68 16.27
CA VAL B 130 -17.79 -23.96 17.35
C VAL B 130 -17.35 -22.52 17.28
N VAL B 131 -18.30 -21.58 17.33
CA VAL B 131 -18.00 -20.18 17.08
C VAL B 131 -18.33 -19.34 18.30
N CYS B 132 -17.38 -18.51 18.71
CA CYS B 132 -17.55 -17.53 19.76
C CYS B 132 -17.53 -16.15 19.12
N LEU B 133 -18.56 -15.35 19.40
CA LEU B 133 -18.68 -14.00 18.86
C LEU B 133 -18.52 -13.01 20.00
N LEU B 134 -17.58 -12.07 19.84
CA LEU B 134 -17.41 -10.93 20.74
C LEU B 134 -17.90 -9.69 19.99
N ASN B 135 -19.02 -9.12 20.42
CA ASN B 135 -19.65 -8.06 19.62
C ASN B 135 -19.42 -6.69 20.26
N ASN B 136 -18.94 -5.76 19.45
CA ASN B 136 -18.96 -4.32 19.70
C ASN B 136 -18.22 -3.96 21.00
N PHE B 137 -16.90 -4.14 20.95
CA PHE B 137 -16.06 -3.84 22.11
C PHE B 137 -14.95 -2.85 21.76
N TYR B 138 -14.34 -2.30 22.81
CA TYR B 138 -13.22 -1.40 22.61
C TYR B 138 -12.42 -1.38 23.90
N PRO B 139 -11.09 -1.41 23.85
CA PRO B 139 -10.20 -1.46 22.68
C PRO B 139 -10.11 -2.85 22.05
N ARG B 140 -9.27 -2.94 21.02
CA ARG B 140 -9.20 -4.14 20.20
C ARG B 140 -8.60 -5.31 20.96
N GLU B 141 -7.73 -5.04 21.93
CA GLU B 141 -7.02 -6.10 22.63
C GLU B 141 -8.00 -6.99 23.38
N ALA B 142 -7.96 -8.29 23.09
CA ALA B 142 -8.84 -9.23 23.75
C ALA B 142 -8.21 -10.61 23.66
N LYS B 143 -8.49 -11.44 24.64
CA LYS B 143 -8.01 -12.82 24.66
C LYS B 143 -9.19 -13.76 24.74
N VAL B 144 -9.23 -14.74 23.85
CA VAL B 144 -10.27 -15.76 23.83
C VAL B 144 -9.58 -17.10 24.06
N GLN B 145 -10.03 -17.82 25.07
CA GLN B 145 -9.54 -19.15 25.38
C GLN B 145 -10.70 -20.14 25.27
N TRP B 146 -10.46 -21.25 24.59
CA TRP B 146 -11.44 -22.31 24.49
C TRP B 146 -11.14 -23.40 25.51
N LYS B 147 -12.20 -23.93 26.11
CA LYS B 147 -12.10 -25.04 27.04
C LYS B 147 -13.13 -26.09 26.64
N VAL B 148 -12.72 -27.35 26.61
CA VAL B 148 -13.61 -28.46 26.31
C VAL B 148 -13.55 -29.40 27.49
N ASP B 149 -14.70 -29.59 28.16
CA ASP B 149 -14.75 -30.28 29.45
C ASP B 149 -13.66 -29.76 30.38
N ASN B 150 -13.50 -28.43 30.37
CA ASN B 150 -12.57 -27.67 31.20
C ASN B 150 -11.11 -27.88 30.83
N ALA B 151 -10.82 -28.52 29.72
CA ALA B 151 -9.45 -28.67 29.23
C ALA B 151 -9.12 -27.55 28.26
N LEU B 152 -8.03 -26.82 28.55
CA LEU B 152 -7.65 -25.70 27.69
C LEU B 152 -7.18 -26.20 26.33
N GLN B 153 -7.70 -25.58 25.27
CA GLN B 153 -7.41 -25.95 23.91
C GLN B 153 -6.25 -25.15 23.34
N SER B 154 -5.47 -25.78 22.47
CA SER B 154 -4.30 -25.17 21.85
C SER B 154 -4.19 -25.65 20.41
N GLY B 155 -4.01 -24.69 19.49
CA GLY B 155 -3.66 -25.00 18.13
C GLY B 155 -4.82 -25.36 17.22
N ASN B 156 -6.05 -25.29 17.71
CA ASN B 156 -7.22 -25.68 16.94
C ASN B 156 -8.26 -24.57 16.87
N SER B 157 -7.86 -23.32 17.05
CA SER B 157 -8.78 -22.20 16.87
C SER B 157 -8.11 -21.10 16.06
N GLN B 158 -8.97 -20.27 15.45
CA GLN B 158 -8.53 -19.09 14.70
C GLN B 158 -9.51 -17.96 14.92
N GLU B 159 -9.00 -16.74 14.83
CA GLU B 159 -9.77 -15.53 15.09
C GLU B 159 -9.72 -14.58 13.90
N SER B 160 -10.75 -13.77 13.79
CA SER B 160 -10.84 -12.70 12.83
C SER B 160 -11.49 -11.49 13.50
N VAL B 161 -11.05 -10.28 13.14
CA VAL B 161 -11.55 -9.05 13.75
C VAL B 161 -11.97 -8.07 12.66
N THR B 162 -13.08 -7.37 12.90
CA THR B 162 -13.50 -6.34 11.98
C THR B 162 -12.67 -5.09 12.13
N GLU B 163 -12.82 -4.20 11.16
CA GLU B 163 -12.29 -2.86 11.32
C GLU B 163 -13.25 -2.05 12.20
N GLN B 164 -12.77 -0.90 12.70
CA GLN B 164 -13.60 -0.09 13.59
C GLN B 164 -14.92 0.27 12.92
N ASP B 165 -16.00 0.12 13.67
CA ASP B 165 -17.31 0.50 13.16
C ASP B 165 -17.33 2.00 12.91
N SER B 166 -17.85 2.41 11.76
CA SER B 166 -17.83 3.82 11.39
C SER B 166 -18.78 4.66 12.24
N LYS B 167 -19.72 4.03 12.94
CA LYS B 167 -20.71 4.74 13.75
C LYS B 167 -20.36 4.75 15.23
N ASP B 168 -19.95 3.62 15.82
CA ASP B 168 -19.62 3.59 17.23
C ASP B 168 -18.16 3.28 17.54
N SER B 169 -17.33 3.04 16.51
CA SER B 169 -15.88 2.93 16.67
C SER B 169 -15.46 1.68 17.43
N THR B 170 -16.34 0.70 17.55
CA THR B 170 -16.01 -0.54 18.23
C THR B 170 -15.50 -1.58 17.23
N TYR B 171 -14.98 -2.66 17.80
CA TYR B 171 -14.56 -3.84 17.07
C TYR B 171 -15.50 -5.00 17.37
N SER B 172 -15.50 -5.98 16.50
CA SER B 172 -16.09 -7.28 16.78
C SER B 172 -15.09 -8.35 16.37
N LEU B 173 -15.19 -9.50 17.02
CA LEU B 173 -14.24 -10.58 16.83
C LEU B 173 -15.01 -11.88 16.78
N SER B 174 -14.60 -12.79 15.91
CA SER B 174 -15.13 -14.15 15.86
C SER B 174 -13.98 -15.11 16.04
N SER B 175 -14.13 -16.08 16.94
CA SER B 175 -13.17 -17.15 17.12
C SER B 175 -13.84 -18.47 16.82
N THR B 176 -13.18 -19.32 16.03
CA THR B 176 -13.73 -20.61 15.64
C THR B 176 -12.82 -21.71 16.16
N LEU B 177 -13.40 -22.62 16.95
CA LEU B 177 -12.75 -23.84 17.41
C LEU B 177 -13.17 -24.96 16.46
N THR B 178 -12.19 -25.64 15.86
CA THR B 178 -12.47 -26.71 14.91
C THR B 178 -12.01 -28.05 15.45
N LEU B 179 -12.93 -29.00 15.50
CA LEU B 179 -12.67 -30.36 15.95
C LEU B 179 -13.21 -31.33 14.91
N SER B 180 -12.66 -32.54 14.93
CA SER B 180 -13.30 -33.62 14.18
C SER B 180 -14.65 -33.93 14.82
N LYS B 181 -15.53 -34.53 14.01
CA LYS B 181 -16.82 -34.97 14.54
C LYS B 181 -16.65 -35.94 15.70
N ALA B 182 -15.76 -36.93 15.55
CA ALA B 182 -15.55 -37.89 16.62
C ALA B 182 -15.10 -37.20 17.91
N ASP B 183 -14.18 -36.25 17.82
CA ASP B 183 -13.73 -35.56 19.03
C ASP B 183 -14.83 -34.70 19.61
N TYR B 184 -15.60 -34.02 18.77
CA TYR B 184 -16.69 -33.19 19.26
C TYR B 184 -17.72 -34.01 20.02
N GLU B 185 -18.16 -35.12 19.42
CA GLU B 185 -19.22 -35.96 19.99
C GLU B 185 -18.75 -36.70 21.23
N LYS B 186 -17.46 -36.62 21.57
CA LYS B 186 -16.86 -37.31 22.70
C LYS B 186 -16.82 -36.46 23.97
N HIS B 187 -17.05 -35.15 23.88
CA HIS B 187 -16.99 -34.26 25.03
C HIS B 187 -18.34 -33.58 25.22
N LYS B 188 -18.51 -32.95 26.38
CA LYS B 188 -19.80 -32.40 26.79
C LYS B 188 -19.81 -30.88 26.84
N VAL B 189 -18.98 -30.25 27.68
CA VAL B 189 -19.04 -28.82 27.93
C VAL B 189 -18.07 -28.09 27.01
N TYR B 190 -18.59 -27.17 26.21
CA TYR B 190 -17.78 -26.31 25.36
C TYR B 190 -17.91 -24.88 25.86
N ALA B 191 -16.77 -24.24 26.13
CA ALA B 191 -16.78 -22.92 26.72
C ALA B 191 -15.78 -21.99 26.04
N CYS B 192 -16.22 -20.75 25.84
CA CYS B 192 -15.42 -19.64 25.36
C CYS B 192 -15.20 -18.71 26.54
N GLU B 193 -13.94 -18.45 26.91
CA GLU B 193 -13.60 -17.58 28.03
C GLU B 193 -12.89 -16.34 27.49
N VAL B 194 -13.43 -15.17 27.81
CA VAL B 194 -13.02 -13.90 27.20
C VAL B 194 -12.42 -13.00 28.26
N THR B 195 -11.20 -12.52 28.01
CA THR B 195 -10.54 -11.54 28.84
C THR B 195 -10.48 -10.21 28.09
N HIS B 196 -10.99 -9.15 28.71
CA HIS B 196 -11.01 -7.83 28.08
C HIS B 196 -11.04 -6.77 29.16
N GLN B 197 -10.41 -5.63 28.88
CA GLN B 197 -10.31 -4.52 29.84
C GLN B 197 -11.68 -4.10 30.39
N GLY B 198 -12.74 -4.23 29.59
CA GLY B 198 -14.06 -3.79 30.01
C GLY B 198 -14.81 -4.78 30.89
N LEU B 199 -14.27 -5.98 31.06
CA LEU B 199 -14.83 -7.00 31.92
C LEU B 199 -14.05 -7.03 33.23
N SER B 200 -14.77 -7.01 34.36
CA SER B 200 -14.09 -7.00 35.65
C SER B 200 -13.40 -8.33 35.93
N SER B 201 -13.88 -9.41 35.34
CA SER B 201 -13.20 -10.69 35.33
C SER B 201 -13.56 -11.40 34.04
N PRO B 202 -12.79 -12.40 33.62
CA PRO B 202 -13.09 -13.05 32.34
C PRO B 202 -14.50 -13.61 32.31
N VAL B 203 -15.19 -13.40 31.19
CA VAL B 203 -16.54 -13.91 31.01
C VAL B 203 -16.47 -15.23 30.25
N THR B 204 -17.28 -16.18 30.69
CA THR B 204 -17.37 -17.48 30.04
C THR B 204 -18.78 -17.66 29.48
N LYS B 205 -18.84 -18.07 28.23
CA LYS B 205 -20.08 -18.49 27.59
C LYS B 205 -19.92 -19.94 27.20
N SER B 206 -20.89 -20.78 27.55
CA SER B 206 -20.70 -22.21 27.34
C SER B 206 -22.03 -22.87 26.99
N PHE B 207 -21.93 -24.08 26.46
CA PHE B 207 -23.09 -24.92 26.22
C PHE B 207 -22.70 -26.38 26.41
N ASN B 208 -23.71 -27.22 26.61
CA ASN B 208 -23.54 -28.66 26.77
C ASN B 208 -24.06 -29.39 25.54
N ARG B 209 -23.18 -30.22 24.95
CA ARG B 209 -23.49 -31.47 24.26
C ARG B 209 -22.54 -31.71 23.09
N GLY B 210 -22.77 -32.77 22.32
CA GLY B 210 -21.69 -33.42 21.59
C GLY B 210 -21.17 -34.58 22.40
N SER C 1 0.89 21.99 -21.62
CA SER C 1 2.29 22.38 -21.81
C SER C 1 2.61 22.70 -23.26
N ILE C 2 3.31 23.80 -23.45
CA ILE C 2 3.74 24.18 -24.79
C ILE C 2 5.06 23.51 -25.16
N VAL C 3 5.83 23.02 -24.20
CA VAL C 3 7.12 22.42 -24.46
C VAL C 3 7.12 20.99 -23.95
N SER C 4 7.53 20.05 -24.80
CA SER C 4 7.62 18.64 -24.49
C SER C 4 9.08 18.21 -24.50
N LEU C 5 9.53 17.58 -23.42
CA LEU C 5 10.88 17.02 -23.38
C LEU C 5 10.86 15.69 -24.12
N LEU C 6 11.70 15.57 -25.18
CA LEU C 6 11.73 14.37 -26.00
C LEU C 6 12.92 13.46 -25.75
N GLY C 7 14.01 13.99 -25.22
CA GLY C 7 15.15 13.17 -24.91
C GLY C 7 16.15 13.93 -24.07
N ILE C 8 16.92 13.19 -23.29
CA ILE C 8 17.94 13.80 -22.47
C ILE C 8 19.04 12.77 -22.25
N LYS C 9 20.27 13.15 -22.57
CA LYS C 9 21.43 12.26 -22.54
C LYS C 9 22.54 12.96 -21.79
N VAL C 10 23.18 12.26 -20.86
CA VAL C 10 24.40 12.74 -20.20
C VAL C 10 25.58 12.28 -21.04
N LEU C 11 26.37 13.22 -21.55
CA LEU C 11 27.40 12.85 -22.51
C LEU C 11 28.69 12.38 -21.86
N ASN C 12 28.97 12.79 -20.63
CA ASN C 12 30.25 12.51 -19.98
C ASN C 12 30.03 11.90 -18.61
N ASN C 13 29.98 10.57 -18.56
CA ASN C 13 29.63 9.87 -17.35
C ASN C 13 30.24 8.47 -17.32
N PRO C 14 30.95 8.08 -16.24
CA PRO C 14 31.33 8.88 -15.08
C PRO C 14 32.24 10.05 -15.45
N ALA C 15 32.45 10.96 -14.52
CA ALA C 15 33.29 12.12 -14.75
C ALA C 15 33.97 12.54 -13.44
N LYS C 16 34.95 13.43 -13.56
CA LYS C 16 35.50 14.06 -12.36
C LYS C 16 34.46 14.97 -11.72
N PHE C 17 34.53 15.08 -10.39
CA PHE C 17 33.66 16.01 -9.68
C PHE C 17 33.69 17.41 -10.30
N THR C 18 34.88 17.85 -10.72
CA THR C 18 35.09 19.20 -11.24
C THR C 18 34.83 19.33 -12.74
N ASP C 19 34.42 18.26 -13.43
CA ASP C 19 34.08 18.39 -14.84
C ASP C 19 32.69 19.03 -15.01
N PRO C 20 32.49 19.85 -16.03
CA PRO C 20 31.14 20.35 -16.31
C PRO C 20 30.21 19.19 -16.63
N TYR C 21 28.93 19.44 -16.44
CA TYR C 21 27.91 18.45 -16.76
C TYR C 21 27.43 18.72 -18.18
N GLU C 22 27.55 17.72 -19.06
CA GLU C 22 27.14 17.89 -20.46
C GLU C 22 25.84 17.13 -20.70
N PHE C 23 24.75 17.87 -20.84
CA PHE C 23 23.43 17.32 -21.09
C PHE C 23 23.01 17.66 -22.51
N GLU C 24 22.76 16.62 -23.32
CA GLU C 24 22.21 16.80 -24.67
C GLU C 24 20.69 16.69 -24.55
N ILE C 25 20.00 17.78 -24.86
CA ILE C 25 18.57 17.95 -24.57
C ILE C 25 17.82 18.10 -25.88
N THR C 26 16.81 17.25 -26.09
CA THR C 26 15.95 17.35 -27.27
C THR C 26 14.53 17.65 -26.79
N PHE C 27 13.91 18.71 -27.35
CA PHE C 27 12.57 19.09 -26.94
C PHE C 27 11.82 19.64 -28.14
N GLU C 28 10.49 19.71 -28.02
CA GLU C 28 9.69 20.33 -29.06
C GLU C 28 8.85 21.43 -28.45
N CYS C 29 8.73 22.51 -29.19
CA CYS C 29 7.95 23.68 -28.80
C CYS C 29 6.75 23.72 -29.74
N LEU C 30 5.56 23.65 -29.18
CA LEU C 30 4.35 23.41 -29.98
C LEU C 30 3.74 24.67 -30.54
N GLU C 31 4.12 25.84 -30.04
CA GLU C 31 3.63 27.10 -30.61
C GLU C 31 4.60 28.19 -30.17
N SER C 32 4.49 29.34 -30.82
CA SER C 32 5.42 30.43 -30.58
C SER C 32 5.25 30.96 -29.16
N LEU C 33 6.38 31.28 -28.53
CA LEU C 33 6.40 31.86 -27.20
C LEU C 33 7.03 33.24 -27.24
N LYS C 34 6.58 34.11 -26.33
CA LYS C 34 7.10 35.48 -26.29
C LYS C 34 8.51 35.52 -25.69
N HIS C 35 8.81 34.62 -24.75
CA HIS C 35 10.05 34.68 -23.99
C HIS C 35 10.95 33.48 -24.31
N ASP C 36 12.19 33.58 -23.87
CA ASP C 36 13.13 32.47 -23.95
C ASP C 36 12.79 31.39 -22.91
N LEU C 37 13.36 30.22 -23.11
CA LEU C 37 13.33 29.16 -22.09
C LEU C 37 14.60 29.20 -21.26
N GLU C 38 14.46 28.94 -19.96
CA GLU C 38 15.60 28.97 -19.06
C GLU C 38 15.85 27.57 -18.51
N TRP C 39 16.96 26.97 -18.92
CA TRP C 39 17.39 25.69 -18.42
C TRP C 39 18.33 25.90 -17.25
N LYS C 40 18.13 25.14 -16.18
CA LYS C 40 18.91 25.30 -14.95
C LYS C 40 19.33 23.93 -14.47
N LEU C 41 20.47 23.87 -13.80
CA LEU C 41 20.93 22.66 -13.12
C LEU C 41 21.16 23.01 -11.66
N THR C 42 20.57 22.22 -10.77
CA THR C 42 20.61 22.46 -9.33
C THR C 42 21.19 21.25 -8.64
N TYR C 43 22.10 21.50 -7.72
CA TYR C 43 22.69 20.47 -6.86
C TYR C 43 21.90 20.41 -5.56
N VAL C 44 21.56 19.21 -5.10
CA VAL C 44 20.93 19.02 -3.79
C VAL C 44 21.69 17.96 -3.03
N GLY C 45 22.34 18.35 -1.95
CA GLY C 45 23.03 17.42 -1.09
C GLY C 45 22.27 17.34 0.22
N SER C 46 22.32 16.19 0.88
CA SER C 46 21.60 15.98 2.12
C SER C 46 22.60 15.61 3.22
N SER C 47 22.86 16.54 4.13
CA SER C 47 23.62 16.25 5.33
C SER C 47 22.65 15.96 6.48
N ARG C 48 23.22 15.74 7.66
CA ARG C 48 22.40 15.25 8.78
C ARG C 48 21.25 16.19 9.08
N SER C 49 21.53 17.49 9.22
CA SER C 49 20.55 18.43 9.73
C SER C 49 19.97 19.37 8.68
N LEU C 50 20.44 19.32 7.44
CA LEU C 50 19.88 20.18 6.40
C LEU C 50 20.28 19.66 5.03
N ASP C 51 19.59 20.18 4.02
CA ASP C 51 20.03 20.03 2.65
C ASP C 51 20.90 21.22 2.25
N HIS C 52 21.83 20.99 1.35
CA HIS C 52 22.59 22.05 0.70
C HIS C 52 22.13 22.13 -0.75
N ASP C 53 21.66 23.28 -1.17
CA ASP C 53 21.25 23.49 -2.56
C ASP C 53 22.18 24.52 -3.21
N GLN C 54 22.53 24.28 -4.46
CA GLN C 54 23.34 25.18 -5.25
C GLN C 54 22.74 25.28 -6.63
N GLU C 55 22.56 26.49 -7.14
CA GLU C 55 22.30 26.64 -8.56
C GLU C 55 23.63 26.53 -9.28
N LEU C 56 23.82 25.43 -10.00
CA LEU C 56 25.10 25.15 -10.64
C LEU C 56 25.30 26.01 -11.88
N ASP C 57 24.25 26.17 -12.69
CA ASP C 57 24.35 26.93 -13.92
C ASP C 57 22.95 27.13 -14.48
N SER C 58 22.86 28.05 -15.42
CA SER C 58 21.61 28.30 -16.12
C SER C 58 21.94 28.87 -17.48
N ILE C 59 21.03 28.66 -18.42
CA ILE C 59 21.19 29.19 -19.77
C ILE C 59 19.83 29.54 -20.32
N LEU C 60 19.75 30.70 -20.95
CA LEU C 60 18.58 31.13 -21.69
C LEU C 60 18.74 30.72 -23.15
N VAL C 61 17.70 30.06 -23.67
CA VAL C 61 17.67 29.55 -25.02
C VAL C 61 16.49 30.21 -25.72
N GLY C 62 16.77 30.88 -26.84
CA GLY C 62 15.70 31.50 -27.58
C GLY C 62 16.24 32.55 -28.53
N PRO C 63 15.36 33.12 -29.36
CA PRO C 63 13.93 32.79 -29.45
C PRO C 63 13.72 31.36 -29.94
N VAL C 64 12.73 30.67 -29.40
CA VAL C 64 12.61 29.22 -29.59
C VAL C 64 11.80 28.97 -30.86
N PRO C 65 12.37 28.30 -31.87
CA PRO C 65 11.56 27.95 -33.05
C PRO C 65 10.53 26.89 -32.73
N VAL C 66 9.39 27.00 -33.41
CA VAL C 66 8.39 25.95 -33.30
C VAL C 66 8.97 24.67 -33.86
N GLY C 67 8.59 23.56 -33.24
CA GLY C 67 9.06 22.26 -33.65
C GLY C 67 10.23 21.77 -32.80
N VAL C 68 11.09 20.95 -33.39
CA VAL C 68 12.14 20.31 -32.62
C VAL C 68 13.28 21.29 -32.36
N ASN C 69 13.88 21.12 -31.20
CA ASN C 69 15.01 21.89 -30.71
C ASN C 69 15.97 20.91 -30.07
N LYS C 70 17.27 21.18 -30.21
CA LYS C 70 18.27 20.29 -29.63
C LYS C 70 19.53 21.07 -29.33
N PHE C 71 20.07 20.88 -28.14
CA PHE C 71 21.32 21.54 -27.82
C PHE C 71 22.02 20.78 -26.70
N VAL C 72 23.30 21.12 -26.47
CA VAL C 72 24.05 20.60 -25.34
C VAL C 72 24.20 21.73 -24.33
N PHE C 73 23.70 21.48 -23.12
CA PHE C 73 23.86 22.36 -21.97
C PHE C 73 25.10 21.90 -21.24
N SER C 74 26.15 22.72 -21.24
CA SER C 74 27.36 22.40 -20.50
C SER C 74 27.34 23.23 -19.22
N ALA C 75 26.97 22.59 -18.11
CA ALA C 75 26.73 23.26 -16.84
C ALA C 75 27.96 23.22 -15.96
N ASP C 76 28.28 24.36 -15.35
CA ASP C 76 29.41 24.44 -14.44
C ASP C 76 29.30 23.41 -13.31
N PRO C 77 30.44 22.94 -12.81
CA PRO C 77 30.44 21.98 -11.69
C PRO C 77 30.15 22.68 -10.37
N PRO C 78 29.90 21.93 -9.30
CA PRO C 78 29.58 22.54 -8.00
C PRO C 78 30.77 23.31 -7.43
N SER C 79 30.45 24.28 -6.57
CA SER C 79 31.45 24.97 -5.77
C SER C 79 31.70 24.13 -4.53
N ALA C 80 32.81 23.38 -4.51
CA ALA C 80 33.04 22.41 -3.44
C ALA C 80 33.20 23.09 -2.10
N GLU C 81 33.69 24.33 -2.07
CA GLU C 81 33.92 25.02 -0.80
C GLU C 81 32.62 25.26 -0.05
N LEU C 82 31.47 25.15 -0.72
CA LEU C 82 30.17 25.34 -0.09
C LEU C 82 29.54 24.04 0.37
N ILE C 83 30.24 22.92 0.26
CA ILE C 83 29.68 21.60 0.53
C ILE C 83 30.51 20.98 1.65
N PRO C 84 29.90 20.45 2.71
CA PRO C 84 30.69 19.81 3.75
C PRO C 84 31.45 18.61 3.21
N ALA C 85 32.62 18.37 3.80
CA ALA C 85 33.52 17.32 3.33
C ALA C 85 32.80 15.97 3.26
N SER C 86 31.97 15.66 4.24
CA SER C 86 31.30 14.37 4.26
C SER C 86 30.30 14.25 3.11
N GLU C 87 29.78 15.38 2.63
CA GLU C 87 28.78 15.33 1.57
C GLU C 87 29.42 15.20 0.19
N LEU C 88 30.67 15.62 0.05
CA LEU C 88 31.39 15.53 -1.21
C LEU C 88 31.63 14.09 -1.64
N VAL C 89 31.63 13.12 -0.72
CA VAL C 89 31.79 11.73 -1.12
C VAL C 89 30.57 10.91 -0.71
N SER C 90 29.38 11.43 -0.98
CA SER C 90 28.14 10.77 -0.64
C SER C 90 27.25 10.72 -1.88
N VAL C 91 26.12 10.05 -1.73
CA VAL C 91 25.08 10.06 -2.75
C VAL C 91 24.30 11.34 -2.65
N THR C 92 24.17 12.03 -3.77
CA THR C 92 23.48 13.31 -3.87
C THR C 92 22.54 13.30 -5.07
N VAL C 93 21.94 14.44 -5.37
CA VAL C 93 20.98 14.58 -6.46
C VAL C 93 21.34 15.81 -7.29
N ILE C 94 21.05 15.74 -8.58
CA ILE C 94 21.00 16.93 -9.43
C ILE C 94 19.61 17.01 -10.04
N LEU C 95 19.15 18.24 -10.23
CA LEU C 95 17.85 18.53 -10.82
C LEU C 95 18.07 19.40 -12.05
N LEU C 96 17.73 18.89 -13.23
CA LEU C 96 17.74 19.66 -14.46
C LEU C 96 16.34 20.14 -14.75
N SER C 97 16.13 21.44 -14.82
CA SER C 97 14.81 21.98 -15.01
C SER C 97 14.76 22.97 -16.16
N CYS C 98 13.56 23.16 -16.67
CA CYS C 98 13.28 24.24 -17.60
C CYS C 98 12.13 25.07 -17.05
N SER C 99 12.27 26.38 -17.20
CA SER C 99 11.32 27.37 -16.71
C SER C 99 10.95 28.31 -17.85
N TYR C 100 9.77 28.90 -17.73
CA TYR C 100 9.29 29.89 -18.67
C TYR C 100 8.86 31.12 -17.88
N ASP C 101 9.49 32.27 -18.15
CA ASP C 101 9.22 33.50 -17.40
C ASP C 101 9.31 33.25 -15.89
N GLY C 102 10.26 32.42 -15.49
CA GLY C 102 10.50 32.12 -14.09
C GLY C 102 9.66 31.00 -13.49
N ARG C 103 8.84 30.33 -14.30
CA ARG C 103 7.93 29.28 -13.83
C ARG C 103 8.43 27.92 -14.30
N GLU C 104 8.84 27.09 -13.35
CA GLU C 104 9.35 25.75 -13.64
C GLU C 104 8.22 24.85 -14.14
N PHE C 105 8.40 24.26 -15.34
CA PHE C 105 7.39 23.36 -15.87
C PHE C 105 7.86 21.92 -16.06
N VAL C 106 9.15 21.68 -16.03
CA VAL C 106 9.67 20.31 -16.08
C VAL C 106 10.94 20.24 -15.25
N ARG C 107 11.10 19.14 -14.54
CA ARG C 107 12.24 18.86 -13.68
C ARG C 107 12.67 17.43 -13.90
N VAL C 108 13.94 17.23 -14.21
CA VAL C 108 14.50 15.90 -14.40
C VAL C 108 15.52 15.67 -13.29
N GLY C 109 15.23 14.73 -12.39
CA GLY C 109 16.11 14.46 -11.27
C GLY C 109 16.96 13.23 -11.50
N TYR C 110 18.18 13.27 -11.00
CA TYR C 110 19.13 12.18 -11.12
C TYR C 110 19.81 11.93 -9.78
N TYR C 111 19.91 10.66 -9.44
CA TYR C 111 20.86 10.22 -8.42
C TYR C 111 22.29 10.38 -8.94
N VAL C 112 23.19 10.73 -8.02
CA VAL C 112 24.62 10.85 -8.32
C VAL C 112 25.41 10.22 -7.18
N ASN C 113 26.31 9.30 -7.50
CA ASN C 113 27.22 8.72 -6.53
C ASN C 113 28.59 9.36 -6.69
N ASN C 114 29.19 9.75 -5.59
CA ASN C 114 30.51 10.35 -5.57
C ASN C 114 31.42 9.47 -4.73
N GLU C 115 32.55 9.08 -5.30
CA GLU C 115 33.52 8.30 -4.55
C GLU C 115 34.93 8.65 -5.01
N TYR C 116 35.88 8.34 -4.14
CA TYR C 116 37.28 8.51 -4.47
C TYR C 116 37.70 7.50 -5.53
N ASP C 117 38.66 7.90 -6.35
CA ASP C 117 39.11 7.09 -7.47
C ASP C 117 40.30 6.20 -7.14
N GLU C 118 40.68 6.07 -5.87
CA GLU C 118 41.77 5.21 -5.46
C GLU C 118 41.32 4.37 -4.28
N GLU C 119 41.69 3.09 -4.29
CA GLU C 119 41.29 2.19 -3.22
C GLU C 119 41.72 2.72 -1.86
N GLU C 120 42.96 3.22 -1.75
CA GLU C 120 43.45 3.66 -0.46
C GLU C 120 42.62 4.82 0.08
N LEU C 121 42.18 5.72 -0.81
CA LEU C 121 41.38 6.87 -0.37
C LEU C 121 39.96 6.45 0.00
N ARG C 122 39.39 5.49 -0.73
CA ARG C 122 38.05 5.01 -0.42
C ARG C 122 38.01 4.39 0.96
N GLU C 123 39.02 3.58 1.30
CA GLU C 123 38.99 2.89 2.58
C GLU C 123 39.51 3.77 3.72
N ASN C 124 40.29 4.80 3.43
CA ASN C 124 40.83 5.71 4.45
C ASN C 124 40.65 7.15 3.98
N PRO C 125 39.41 7.64 3.96
CA PRO C 125 39.17 8.99 3.43
C PRO C 125 39.86 10.04 4.27
N PRO C 126 40.61 10.95 3.64
CA PRO C 126 41.39 11.92 4.42
C PRO C 126 40.52 12.99 5.05
N ALA C 127 41.03 13.53 6.17
CA ALA C 127 40.35 14.63 6.83
C ALA C 127 40.20 15.82 5.91
N LYS C 128 41.24 16.12 5.13
CA LYS C 128 41.25 17.23 4.17
C LYS C 128 40.85 16.65 2.81
N VAL C 129 39.61 16.90 2.39
CA VAL C 129 39.06 16.29 1.18
C VAL C 129 39.92 16.62 -0.03
N GLN C 130 40.16 15.62 -0.89
CA GLN C 130 40.98 15.78 -2.09
C GLN C 130 40.04 15.74 -3.30
N VAL C 131 39.56 16.91 -3.69
CA VAL C 131 38.48 16.97 -4.68
C VAL C 131 38.93 16.43 -6.03
N ASP C 132 40.23 16.57 -6.36
CA ASP C 132 40.75 16.09 -7.63
C ASP C 132 40.69 14.58 -7.74
N HIS C 133 40.42 13.87 -6.64
CA HIS C 133 40.30 12.43 -6.66
C HIS C 133 38.87 11.94 -6.57
N ILE C 134 37.88 12.84 -6.62
CA ILE C 134 36.48 12.43 -6.53
C ILE C 134 35.92 12.25 -7.93
N VAL C 135 35.28 11.11 -8.17
CA VAL C 135 34.63 10.77 -9.42
C VAL C 135 33.14 10.69 -9.15
N ARG C 136 32.33 11.30 -10.02
CA ARG C 136 30.88 11.22 -9.95
C ARG C 136 30.36 10.24 -10.98
N ASN C 137 29.30 9.53 -10.60
CA ASN C 137 28.59 8.61 -11.48
C ASN C 137 27.12 8.96 -11.35
N ILE C 138 26.58 9.58 -12.40
CA ILE C 138 25.16 9.91 -12.50
C ILE C 138 24.39 8.67 -12.94
N LEU C 139 23.25 8.41 -12.29
CA LEU C 139 22.35 7.32 -12.69
C LEU C 139 21.51 7.84 -13.86
N ALA C 140 22.19 7.98 -14.99
CA ALA C 140 21.69 8.79 -16.10
C ALA C 140 20.56 8.11 -16.86
N GLU C 141 20.44 6.80 -16.77
CA GLU C 141 19.42 6.08 -17.52
C GLU C 141 18.12 5.91 -16.75
N LYS C 142 18.02 6.41 -15.51
CA LYS C 142 16.79 6.33 -14.73
C LYS C 142 16.41 7.72 -14.22
N PRO C 143 16.09 8.63 -15.14
CA PRO C 143 15.67 9.96 -14.73
C PRO C 143 14.36 9.94 -13.98
N ARG C 144 14.25 10.83 -12.99
CA ARG C 144 13.06 11.00 -12.17
C ARG C 144 12.39 12.31 -12.58
N VAL C 145 11.39 12.23 -13.43
CA VAL C 145 10.80 13.41 -14.07
C VAL C 145 9.56 13.88 -13.31
N THR C 146 9.47 15.19 -13.08
CA THR C 146 8.27 15.83 -12.56
C THR C 146 7.86 16.93 -13.53
N ARG C 147 6.56 17.01 -13.83
CA ARG C 147 6.03 18.09 -14.65
C ARG C 147 5.07 18.92 -13.82
N PHE C 148 5.05 20.22 -14.11
CA PHE C 148 4.21 21.17 -13.42
C PHE C 148 3.39 21.97 -14.44
N ASN C 149 2.11 22.14 -14.14
CA ASN C 149 1.26 22.99 -14.97
C ASN C 149 1.60 24.44 -14.67
N ILE C 150 1.85 25.23 -15.71
CA ILE C 150 2.16 26.63 -15.55
C ILE C 150 1.31 27.47 -16.48
N VAL C 151 1.21 28.76 -16.13
CA VAL C 151 0.79 29.78 -17.07
C VAL C 151 1.92 30.04 -18.06
N TRP C 152 1.57 30.10 -19.34
CA TRP C 152 2.55 30.42 -20.38
C TRP C 152 2.40 31.90 -20.74
N ASP C 153 1.87 32.23 -21.92
CA ASP C 153 1.68 33.64 -22.29
C ASP C 153 0.25 34.13 -22.07
#